data_5EN8
#
_entry.id   5EN8
#
_cell.length_a   160.429
_cell.length_b   35.233
_cell.length_c   79.260
_cell.angle_alpha   90.000
_cell.angle_beta   93.270
_cell.angle_gamma   90.000
#
_symmetry.space_group_name_H-M   'C 1 2 1'
#
loop_
_entity.id
_entity.type
_entity.pdbx_description
1 polymer SMU-1
2 water water
#
_entity_poly.entity_id   1
_entity_poly.type   'polypeptide(L)'
_entity_poly.pdbx_seq_one_letter_code
;GAMGSSIEIESSDVIRLIEQFLKESNLHRTLAILQEETNVSLNTVDSIDGFCNEITSGNWDNVLKTVQSLKLPAKKLIDL
YEHVIIELVELRELATARLVARQTDPMILLKQIDPDRFARLESLINRPYFDGQEVYGDVSKEKRRSVIAQTLSSEVHVVA
PSRLLSLLGQSLKWQLHQGLLPPG
;
_entity_poly.pdbx_strand_id   A,B
#
# COMPACT_ATOMS: atom_id res chain seq x y z
N ILE A 9 4.13 17.39 -12.75
CA ILE A 9 4.52 16.25 -11.92
C ILE A 9 4.54 16.61 -10.45
N GLU A 10 3.88 15.80 -9.63
CA GLU A 10 3.87 16.00 -8.18
C GLU A 10 4.92 15.15 -7.49
N SER A 11 5.31 15.55 -6.28
CA SER A 11 6.39 14.88 -5.55
C SER A 11 5.91 13.95 -4.43
N SER A 12 6.36 14.25 -3.21
CA SER A 12 6.04 13.47 -2.02
C SER A 12 4.59 13.67 -1.60
N ASP A 13 3.97 14.70 -2.14
CA ASP A 13 2.59 15.06 -1.84
C ASP A 13 1.62 13.93 -2.24
N VAL A 14 1.96 13.22 -3.30
CA VAL A 14 1.16 12.08 -3.74
C VAL A 14 1.09 11.02 -2.65
N ILE A 15 2.22 10.79 -1.98
CA ILE A 15 2.30 9.79 -0.92
C ILE A 15 1.39 10.12 0.25
N ARG A 16 1.37 11.39 0.66
CA ARG A 16 0.52 11.81 1.76
C ARG A 16 -0.95 11.69 1.38
N LEU A 17 -1.25 11.95 0.12
CA LEU A 17 -2.60 11.73 -0.41
C LEU A 17 -3.00 10.27 -0.27
N ILE A 18 -2.07 9.38 -0.63
CA ILE A 18 -2.28 7.95 -0.54
C ILE A 18 -2.41 7.51 0.91
N GLU A 19 -1.55 8.06 1.77
CA GLU A 19 -1.58 7.72 3.18
C GLU A 19 -2.92 8.04 3.81
N GLN A 20 -3.48 9.20 3.47
CA GLN A 20 -4.80 9.57 3.99
C GLN A 20 -5.83 8.59 3.49
N PHE A 21 -5.70 8.19 2.22
CA PHE A 21 -6.61 7.23 1.62
C PHE A 21 -6.56 5.89 2.35
N LEU A 22 -5.36 5.44 2.68
CA LEU A 22 -5.17 4.18 3.38
C LEU A 22 -5.79 4.18 4.77
N LYS A 23 -5.64 5.30 5.47
CA LYS A 23 -6.17 5.44 6.82
C LYS A 23 -7.70 5.37 6.82
N GLU A 24 -8.30 6.04 5.84
CA GLU A 24 -9.76 6.06 5.73
C GLU A 24 -10.29 4.74 5.18
N SER A 25 -9.42 3.95 4.56
CA SER A 25 -9.81 2.66 4.02
C SER A 25 -9.48 1.52 4.98
N ASN A 26 -9.03 1.89 6.18
CA ASN A 26 -8.67 0.94 7.23
C ASN A 26 -7.56 -0.03 6.81
N LEU A 27 -6.73 0.41 5.87
CA LEU A 27 -5.58 -0.38 5.45
C LEU A 27 -4.35 0.05 6.26
N HIS A 28 -4.42 -0.17 7.57
CA HIS A 28 -3.41 0.29 8.50
C HIS A 28 -2.07 -0.43 8.34
N ARG A 29 -2.12 -1.70 7.95
CA ARG A 29 -0.91 -2.46 7.69
C ARG A 29 -0.11 -1.82 6.57
N THR A 30 -0.77 -1.60 5.44
CA THR A 30 -0.15 -0.98 4.28
C THR A 30 0.32 0.44 4.61
N LEU A 31 -0.47 1.12 5.42
CA LEU A 31 -0.15 2.48 5.84
C LEU A 31 1.15 2.51 6.63
N ALA A 32 1.32 1.53 7.51
CA ALA A 32 2.51 1.45 8.36
C ALA A 32 3.77 1.23 7.53
N ILE A 33 3.71 0.28 6.61
CA ILE A 33 4.85 -0.02 5.75
C ILE A 33 5.21 1.13 4.83
N LEU A 34 4.19 1.83 4.36
CA LEU A 34 4.38 2.95 3.44
C LEU A 34 5.15 4.11 4.10
N GLN A 35 4.74 4.45 5.31
CA GLN A 35 5.40 5.51 6.07
C GLN A 35 6.87 5.20 6.35
N GLU A 36 7.14 3.95 6.68
CA GLU A 36 8.50 3.49 6.96
C GLU A 36 9.37 3.50 5.70
N GLU A 37 8.84 2.95 4.62
CA GLU A 37 9.59 2.77 3.38
C GLU A 37 9.87 4.09 2.65
N THR A 38 8.98 5.07 2.82
CA THR A 38 9.08 6.32 2.09
C THR A 38 9.70 7.46 2.90
N ASN A 39 9.76 7.28 4.22
CA ASN A 39 10.25 8.29 5.15
C ASN A 39 9.36 9.54 5.12
N VAL A 40 8.09 9.33 4.76
CA VAL A 40 7.09 10.39 4.79
C VAL A 40 5.92 9.93 5.66
N SER A 41 5.38 10.83 6.46
CA SER A 41 4.28 10.46 7.35
C SER A 41 3.17 11.50 7.38
N LEU A 42 1.99 11.11 7.84
CA LEU A 42 0.88 12.04 8.02
C LEU A 42 1.17 12.98 9.17
N ASN A 43 1.04 14.28 8.92
CA ASN A 43 1.23 15.28 9.96
C ASN A 43 -0.12 15.82 10.43
N THR A 44 -1.16 14.99 10.30
CA THR A 44 -2.51 15.47 10.53
C THR A 44 -3.30 14.74 11.61
N VAL A 45 -4.33 15.43 12.10
CA VAL A 45 -5.27 14.91 13.09
C VAL A 45 -6.67 14.99 12.49
N ASP A 46 -7.54 14.05 12.86
CA ASP A 46 -8.91 14.03 12.34
C ASP A 46 -9.65 15.34 12.65
N SER A 47 -9.40 15.90 13.83
CA SER A 47 -10.01 17.17 14.22
C SER A 47 -9.23 17.80 15.37
N ILE A 48 -9.16 19.13 15.37
CA ILE A 48 -8.47 19.84 16.44
C ILE A 48 -9.23 19.67 17.75
N ASP A 49 -10.56 19.61 17.66
CA ASP A 49 -11.41 19.40 18.82
C ASP A 49 -11.08 18.07 19.47
N GLY A 50 -11.08 17.02 18.67
CA GLY A 50 -10.79 15.68 19.14
C GLY A 50 -9.43 15.54 19.79
N PHE A 51 -8.43 16.21 19.22
CA PHE A 51 -7.09 16.18 19.79
C PHE A 51 -7.04 16.90 21.14
N CYS A 52 -7.64 18.09 21.18
CA CYS A 52 -7.64 18.89 22.41
C CYS A 52 -8.52 18.25 23.48
N ASN A 53 -9.59 17.59 23.05
CA ASN A 53 -10.50 16.93 23.97
C ASN A 53 -9.80 15.82 24.75
N GLU A 54 -8.90 15.11 24.09
CA GLU A 54 -8.14 14.04 24.74
C GLU A 54 -7.28 14.61 25.87
N ILE A 55 -6.73 15.79 25.65
CA ILE A 55 -5.92 16.47 26.67
C ILE A 55 -6.81 16.99 27.79
N THR A 56 -7.94 17.54 27.40
CA THR A 56 -8.91 18.07 28.34
C THR A 56 -9.51 16.96 29.19
N SER A 57 -9.77 15.80 28.59
CA SER A 57 -10.36 14.67 29.30
C SER A 57 -9.31 13.89 30.09
N GLY A 58 -8.03 14.18 29.84
CA GLY A 58 -6.95 13.54 30.58
C GLY A 58 -6.60 12.12 30.14
N ASN A 59 -6.91 11.79 28.89
CA ASN A 59 -6.54 10.49 28.35
C ASN A 59 -5.10 10.52 27.83
N TRP A 60 -4.14 10.50 28.75
CA TRP A 60 -2.75 10.79 28.43
C TRP A 60 -2.09 9.81 27.48
N ASP A 61 -2.44 8.53 27.60
CA ASP A 61 -1.87 7.51 26.72
C ASP A 61 -2.19 7.81 25.26
N ASN A 62 -3.41 8.28 25.01
CA ASN A 62 -3.81 8.65 23.66
C ASN A 62 -3.05 9.86 23.14
N VAL A 63 -2.93 10.91 23.96
CA VAL A 63 -2.25 12.13 23.53
C VAL A 63 -0.75 11.89 23.37
N LEU A 64 -0.16 11.06 24.22
CA LEU A 64 1.26 10.77 24.13
C LEU A 64 1.58 10.00 22.85
N LYS A 65 0.75 9.03 22.52
CA LYS A 65 0.91 8.28 21.28
C LYS A 65 0.71 9.20 20.09
N THR A 66 -0.28 10.09 20.19
CA THR A 66 -0.61 11.00 19.10
C THR A 66 0.49 12.01 18.80
N VAL A 67 1.02 12.66 19.84
CA VAL A 67 2.06 13.67 19.63
C VAL A 67 3.36 13.05 19.13
N GLN A 68 3.65 11.82 19.56
CA GLN A 68 4.84 11.13 19.09
C GLN A 68 4.68 10.69 17.64
N SER A 69 3.44 10.39 17.25
CA SER A 69 3.14 10.02 15.87
C SER A 69 3.34 11.21 14.94
N LEU A 70 2.95 12.39 15.41
CA LEU A 70 3.08 13.62 14.64
C LEU A 70 4.51 14.13 14.70
N LYS A 71 5.31 13.53 15.58
CA LYS A 71 6.71 13.88 15.77
C LYS A 71 6.89 15.38 16.05
N LEU A 72 6.12 15.90 17.00
CA LEU A 72 6.30 17.27 17.44
C LEU A 72 7.64 17.38 18.17
N PRO A 73 8.32 18.52 18.05
CA PRO A 73 9.61 18.67 18.73
C PRO A 73 9.45 18.64 20.24
N ALA A 74 10.52 18.23 20.94
CA ALA A 74 10.46 17.99 22.37
C ALA A 74 10.17 19.26 23.16
N LYS A 75 10.64 20.40 22.66
CA LYS A 75 10.50 21.67 23.37
C LYS A 75 9.04 22.06 23.55
N LYS A 76 8.23 21.83 22.52
CA LYS A 76 6.80 22.12 22.58
C LYS A 76 6.04 21.19 23.52
N LEU A 77 6.59 19.99 23.72
CA LEU A 77 5.96 18.95 24.54
C LEU A 77 6.37 18.97 26.01
N ILE A 78 7.31 19.84 26.38
CA ILE A 78 7.82 19.86 27.74
C ILE A 78 6.71 20.11 28.77
N ASP A 79 5.85 21.07 28.49
CA ASP A 79 4.76 21.39 29.41
C ASP A 79 3.78 20.23 29.52
N LEU A 80 3.46 19.61 28.39
CA LEU A 80 2.53 18.50 28.38
C LEU A 80 3.05 17.31 29.18
N TYR A 81 4.28 16.90 28.89
CA TYR A 81 4.87 15.73 29.53
C TYR A 81 5.06 15.95 31.03
N GLU A 82 5.36 17.19 31.40
CA GLU A 82 5.47 17.55 32.82
C GLU A 82 4.13 17.37 33.54
N HIS A 83 3.06 17.82 32.90
CA HIS A 83 1.73 17.71 33.50
C HIS A 83 1.27 16.25 33.56
N VAL A 84 1.58 15.49 32.53
CA VAL A 84 1.27 14.06 32.51
C VAL A 84 1.85 13.37 33.73
N ILE A 85 3.11 13.69 34.04
CA ILE A 85 3.79 13.14 35.20
C ILE A 85 3.09 13.55 36.50
N ILE A 86 2.66 14.82 36.58
CA ILE A 86 1.95 15.30 37.75
C ILE A 86 0.65 14.53 37.98
N GLU A 87 -0.05 14.19 36.91
CA GLU A 87 -1.29 13.44 37.06
C GLU A 87 -1.02 11.97 37.36
N LEU A 88 0.12 11.47 36.86
CA LEU A 88 0.50 10.09 37.12
C LEU A 88 0.87 9.87 38.57
N VAL A 89 1.56 10.84 39.18
CA VAL A 89 1.91 10.74 40.59
C VAL A 89 0.66 10.98 41.44
N GLU A 90 -0.27 11.76 40.89
CA GLU A 90 -1.56 11.97 41.53
C GLU A 90 -2.33 10.66 41.59
N LEU A 91 -2.25 9.88 40.51
CA LEU A 91 -2.90 8.58 40.45
C LEU A 91 -2.01 7.50 41.05
N ARG A 92 -0.89 7.94 41.61
CA ARG A 92 0.07 7.05 42.27
C ARG A 92 0.63 6.00 41.32
N GLU A 93 0.71 6.34 40.04
CA GLU A 93 1.37 5.51 39.05
C GLU A 93 2.85 5.89 39.03
N LEU A 94 3.54 5.63 40.14
CA LEU A 94 4.89 6.13 40.34
C LEU A 94 5.87 5.52 39.35
N ALA A 95 5.71 4.22 39.09
CA ALA A 95 6.57 3.52 38.16
C ALA A 95 6.49 4.13 36.76
N THR A 96 5.26 4.43 36.34
CA THR A 96 5.02 5.05 35.05
C THR A 96 5.53 6.49 35.02
N ALA A 97 5.32 7.21 36.13
CA ALA A 97 5.78 8.59 36.24
C ALA A 97 7.29 8.66 36.13
N ARG A 98 7.97 7.77 36.84
CA ARG A 98 9.43 7.69 36.78
C ARG A 98 9.86 7.32 35.36
N LEU A 99 9.10 6.43 34.74
CA LEU A 99 9.40 5.97 33.38
C LEU A 99 9.37 7.14 32.40
N VAL A 100 8.35 7.99 32.52
CA VAL A 100 8.23 9.16 31.65
C VAL A 100 9.39 10.12 31.91
N ALA A 101 9.73 10.30 33.18
CA ALA A 101 10.80 11.20 33.57
C ALA A 101 12.19 10.75 33.11
N ARG A 102 12.38 9.43 32.98
CA ARG A 102 13.69 8.88 32.65
C ARG A 102 13.92 8.70 31.14
N GLN A 103 12.88 8.30 30.42
CA GLN A 103 13.06 7.80 29.06
C GLN A 103 12.60 8.72 27.92
N THR A 104 11.60 9.56 28.18
CA THR A 104 11.02 10.35 27.10
C THR A 104 11.90 11.53 26.70
N ASP A 105 11.83 11.88 25.42
CA ASP A 105 12.66 12.93 24.84
C ASP A 105 12.43 14.32 25.46
N PRO A 106 11.16 14.73 25.68
CA PRO A 106 10.98 16.07 26.28
C PRO A 106 11.56 16.19 27.69
N MET A 107 11.39 15.17 28.51
CA MET A 107 11.90 15.18 29.89
C MET A 107 13.43 15.14 29.95
N ILE A 108 14.05 14.41 29.03
CA ILE A 108 15.51 14.41 28.95
C ILE A 108 15.98 15.82 28.59
N LEU A 109 15.25 16.46 27.68
CA LEU A 109 15.55 17.84 27.30
C LEU A 109 15.34 18.81 28.47
N LEU A 110 14.27 18.59 29.23
CA LEU A 110 13.93 19.47 30.36
C LEU A 110 15.05 19.45 31.41
N LYS A 111 15.61 18.27 31.62
CA LYS A 111 16.71 18.10 32.57
C LYS A 111 17.91 18.94 32.14
N GLN A 112 18.18 18.95 30.84
CA GLN A 112 19.31 19.69 30.28
C GLN A 112 19.18 21.21 30.37
N ILE A 113 18.02 21.75 29.99
CA ILE A 113 17.85 23.20 29.92
C ILE A 113 17.43 23.82 31.25
N ASP A 114 16.56 23.14 31.98
CA ASP A 114 16.09 23.65 33.26
C ASP A 114 16.11 22.54 34.31
N PRO A 115 17.30 22.19 34.80
CA PRO A 115 17.48 21.11 35.77
C PRO A 115 16.75 21.38 37.08
N ASP A 116 16.62 22.66 37.43
CA ASP A 116 15.89 23.05 38.63
C ASP A 116 14.41 22.67 38.53
N ARG A 117 13.82 22.96 37.38
CA ARG A 117 12.43 22.61 37.11
C ARG A 117 12.24 21.10 37.12
N PHE A 118 13.20 20.38 36.55
CA PHE A 118 13.16 18.93 36.52
C PHE A 118 13.28 18.38 37.93
N ALA A 119 14.13 19.01 38.73
CA ALA A 119 14.34 18.62 40.12
C ALA A 119 13.06 18.72 40.96
N ARG A 120 12.29 19.78 40.73
CA ARG A 120 11.02 19.95 41.43
C ARG A 120 10.05 18.82 41.07
N LEU A 121 10.10 18.42 39.80
CA LEU A 121 9.30 17.31 39.30
C LEU A 121 9.77 16.02 39.96
N GLU A 122 11.09 15.92 40.16
CA GLU A 122 11.67 14.77 40.84
C GLU A 122 11.15 14.63 42.27
N SER A 123 11.09 15.76 42.97
CA SER A 123 10.62 15.77 44.35
C SER A 123 9.14 15.43 44.46
N LEU A 124 8.35 15.93 43.51
CA LEU A 124 6.91 15.67 43.49
C LEU A 124 6.62 14.18 43.37
N ILE A 125 7.38 13.50 42.52
CA ILE A 125 7.22 12.06 42.33
C ILE A 125 7.54 11.32 43.61
N ASN A 126 8.56 11.79 44.32
CA ASN A 126 9.08 11.10 45.50
C ASN A 126 8.38 11.43 46.82
N ARG A 127 7.38 12.30 46.78
CA ARG A 127 6.64 12.67 47.98
C ARG A 127 5.84 11.48 48.50
N PRO A 128 5.75 11.33 49.83
CA PRO A 128 5.01 10.21 50.44
C PRO A 128 3.53 10.19 50.04
N TYR A 129 2.98 11.36 49.71
CA TYR A 129 1.63 11.43 49.16
C TYR A 129 1.44 12.70 48.33
N PHE A 130 0.40 12.70 47.52
CA PHE A 130 0.13 13.82 46.62
C PHE A 130 -0.97 14.72 47.16
N ASP A 131 -0.61 15.96 47.49
CA ASP A 131 -1.58 16.94 47.96
C ASP A 131 -1.97 17.90 46.85
N GLY A 132 -3.11 17.63 46.21
CA GLY A 132 -3.57 18.47 45.11
C GLY A 132 -3.82 19.91 45.52
N GLN A 133 -4.10 20.12 46.80
CA GLN A 133 -4.38 21.46 47.31
C GLN A 133 -3.12 22.33 47.25
N GLU A 134 -1.97 21.68 47.39
CA GLU A 134 -0.68 22.37 47.29
C GLU A 134 -0.26 22.56 45.84
N VAL A 135 -0.33 21.48 45.07
CA VAL A 135 0.12 21.47 43.68
C VAL A 135 -0.75 22.33 42.76
N TYR A 136 -2.06 22.18 42.87
CA TYR A 136 -3.03 22.86 42.02
C TYR A 136 -3.51 24.19 42.59
N GLY A 137 -2.94 24.62 43.70
CA GLY A 137 -3.38 25.82 44.38
C GLY A 137 -3.19 27.10 43.58
N ASP A 138 -2.02 27.26 42.96
CA ASP A 138 -1.76 28.45 42.15
C ASP A 138 -2.57 28.39 40.85
N VAL A 139 -2.50 27.25 40.18
CA VAL A 139 -3.25 27.05 38.94
C VAL A 139 -3.86 25.65 38.92
N SER A 140 -5.18 25.60 38.77
CA SER A 140 -5.95 24.37 38.92
C SER A 140 -5.64 23.33 37.85
N LYS A 141 -6.05 22.09 38.10
CA LYS A 141 -5.84 20.99 37.16
C LYS A 141 -6.51 21.30 35.82
N GLU A 142 -7.74 21.81 35.89
CA GLU A 142 -8.51 22.13 34.70
C GLU A 142 -7.81 23.20 33.87
N LYS A 143 -7.31 24.23 34.56
CA LYS A 143 -6.63 25.33 33.88
C LYS A 143 -5.34 24.85 33.22
N ARG A 144 -4.55 24.05 33.93
CA ARG A 144 -3.31 23.52 33.36
C ARG A 144 -3.57 22.69 32.11
N ARG A 145 -4.59 21.84 32.15
CA ARG A 145 -4.98 21.04 31.00
C ARG A 145 -5.47 21.90 29.85
N SER A 146 -6.22 22.95 30.18
CA SER A 146 -6.78 23.85 29.18
C SER A 146 -5.67 24.63 28.47
N VAL A 147 -4.70 25.12 29.24
CA VAL A 147 -3.60 25.90 28.68
C VAL A 147 -2.77 25.06 27.70
N ILE A 148 -2.44 23.84 28.10
CA ILE A 148 -1.66 22.93 27.26
C ILE A 148 -2.38 22.60 25.97
N ALA A 149 -3.69 22.37 26.07
CA ALA A 149 -4.50 22.06 24.91
C ALA A 149 -4.53 23.24 23.94
N GLN A 150 -4.64 24.45 24.48
CA GLN A 150 -4.72 25.65 23.67
C GLN A 150 -3.44 25.91 22.87
N THR A 151 -2.30 25.78 23.54
CA THR A 151 -1.01 26.03 22.89
C THR A 151 -0.72 24.99 21.81
N LEU A 152 -1.06 23.74 22.11
CA LEU A 152 -0.83 22.64 21.19
C LEU A 152 -1.77 22.65 19.99
N SER A 153 -2.95 23.25 20.15
CA SER A 153 -3.96 23.27 19.09
C SER A 153 -3.45 23.98 17.84
N SER A 154 -2.57 24.95 18.01
CA SER A 154 -1.96 25.65 16.89
C SER A 154 -0.83 24.83 16.27
N GLU A 155 -0.32 23.84 17.00
CA GLU A 155 0.79 23.03 16.54
C GLU A 155 0.36 21.80 15.73
N VAL A 156 -0.93 21.56 15.64
CA VAL A 156 -1.43 20.44 14.85
C VAL A 156 -2.30 20.93 13.68
N HIS A 157 -2.19 20.26 12.55
CA HIS A 157 -2.92 20.67 11.35
C HIS A 157 -3.95 19.62 10.92
N VAL A 158 -5.15 20.07 10.58
CA VAL A 158 -6.17 19.16 10.07
C VAL A 158 -6.29 19.31 8.54
N VAL A 159 -6.46 18.19 7.85
CA VAL A 159 -6.67 18.20 6.40
C VAL A 159 -8.06 17.69 6.05
N ALA A 160 -8.64 18.22 4.97
CA ALA A 160 -9.95 17.78 4.52
C ALA A 160 -9.90 16.29 4.21
N PRO A 161 -10.98 15.57 4.57
CA PRO A 161 -11.04 14.13 4.35
C PRO A 161 -11.13 13.74 2.88
N SER A 162 -10.59 12.57 2.55
CA SER A 162 -10.70 11.98 1.20
C SER A 162 -10.18 12.91 0.11
N ARG A 163 -9.00 13.48 0.33
CA ARG A 163 -8.43 14.41 -0.64
C ARG A 163 -8.13 13.73 -1.97
N LEU A 164 -7.63 12.50 -1.91
CA LEU A 164 -7.31 11.76 -3.13
C LEU A 164 -8.54 11.49 -3.98
N LEU A 165 -9.61 11.02 -3.35
CA LEU A 165 -10.86 10.75 -4.07
C LEU A 165 -11.48 12.02 -4.64
N SER A 166 -11.37 13.13 -3.91
CA SER A 166 -11.86 14.41 -4.41
C SER A 166 -11.11 14.83 -5.68
N LEU A 167 -9.79 14.67 -5.65
CA LEU A 167 -8.97 15.01 -6.81
C LEU A 167 -9.28 14.10 -7.99
N LEU A 168 -9.52 12.82 -7.70
CA LEU A 168 -9.86 11.88 -8.76
C LEU A 168 -11.23 12.22 -9.35
N GLY A 169 -12.15 12.67 -8.50
CA GLY A 169 -13.44 13.15 -8.95
C GLY A 169 -13.29 14.34 -9.88
N GLN A 170 -12.35 15.22 -9.57
CA GLN A 170 -12.05 16.36 -10.43
C GLN A 170 -11.47 15.93 -11.77
N SER A 171 -10.68 14.86 -11.75
CA SER A 171 -10.11 14.29 -12.97
C SER A 171 -11.21 13.81 -13.91
N LEU A 172 -12.21 13.17 -13.33
CA LEU A 172 -13.35 12.68 -14.11
C LEU A 172 -14.16 13.83 -14.68
N LYS A 173 -14.33 14.88 -13.89
CA LYS A 173 -15.06 16.05 -14.34
C LYS A 173 -14.32 16.75 -15.47
N TRP A 174 -12.99 16.75 -15.40
CA TRP A 174 -12.17 17.32 -16.47
C TRP A 174 -12.32 16.51 -17.75
N GLN A 175 -12.29 15.18 -17.62
CA GLN A 175 -12.43 14.29 -18.77
C GLN A 175 -13.79 14.41 -19.45
N LEU A 176 -14.85 14.58 -18.64
CA LEU A 176 -16.18 14.77 -19.19
C LEU A 176 -16.25 16.08 -19.95
N HIS A 177 -15.58 17.10 -19.41
CA HIS A 177 -15.54 18.42 -20.02
C HIS A 177 -14.67 18.41 -21.27
N GLN A 178 -13.57 17.68 -21.21
CA GLN A 178 -12.58 17.70 -22.26
C GLN A 178 -13.00 16.79 -23.42
N GLY A 179 -13.94 15.89 -23.14
CA GLY A 179 -14.41 14.97 -24.15
C GLY A 179 -15.19 15.72 -25.21
N LEU A 180 -15.78 16.84 -24.79
CA LEU A 180 -16.62 17.65 -25.67
C LEU A 180 -15.79 18.36 -26.74
N ILE B 9 -12.33 -1.20 0.02
CA ILE B 9 -12.84 -2.41 -0.62
C ILE B 9 -13.90 -2.06 -1.67
N GLU B 10 -14.21 -0.77 -1.77
CA GLU B 10 -15.17 -0.29 -2.76
C GLU B 10 -14.45 0.20 -4.01
N SER B 11 -13.26 0.75 -3.83
CA SER B 11 -12.50 1.35 -4.92
C SER B 11 -11.38 0.44 -5.40
N SER B 12 -11.72 -0.60 -6.15
CA SER B 12 -10.72 -1.54 -6.63
C SER B 12 -9.83 -0.98 -7.73
N ASP B 13 -10.37 -0.06 -8.53
CA ASP B 13 -9.57 0.59 -9.57
C ASP B 13 -8.58 1.59 -8.96
N VAL B 14 -9.02 2.25 -7.89
CA VAL B 14 -8.16 3.19 -7.17
C VAL B 14 -6.96 2.48 -6.55
N ILE B 15 -7.19 1.30 -6.02
CA ILE B 15 -6.11 0.51 -5.43
C ILE B 15 -5.08 0.16 -6.49
N ARG B 16 -5.56 -0.23 -7.67
CA ARG B 16 -4.66 -0.57 -8.77
C ARG B 16 -3.87 0.64 -9.26
N LEU B 17 -4.51 1.81 -9.24
CA LEU B 17 -3.82 3.06 -9.56
C LEU B 17 -2.68 3.26 -8.59
N ILE B 18 -2.96 3.03 -7.32
CA ILE B 18 -1.96 3.17 -6.27
C ILE B 18 -0.87 2.10 -6.42
N GLU B 19 -1.29 0.87 -6.74
CA GLU B 19 -0.35 -0.23 -6.91
C GLU B 19 0.65 0.05 -8.02
N GLN B 20 0.18 0.55 -9.15
CA GLN B 20 1.06 0.89 -10.27
C GLN B 20 2.03 1.97 -9.85
N PHE B 21 1.53 2.96 -9.12
CA PHE B 21 2.36 4.04 -8.62
C PHE B 21 3.46 3.50 -7.71
N LEU B 22 3.10 2.57 -6.84
CA LEU B 22 4.05 1.97 -5.91
C LEU B 22 5.14 1.21 -6.67
N LYS B 23 4.73 0.50 -7.71
CA LYS B 23 5.67 -0.29 -8.50
C LYS B 23 6.67 0.60 -9.24
N GLU B 24 6.17 1.70 -9.80
CA GLU B 24 7.01 2.63 -10.53
C GLU B 24 7.84 3.49 -9.59
N SER B 25 7.46 3.52 -8.32
CA SER B 25 8.19 4.27 -7.31
C SER B 25 9.12 3.37 -6.51
N ASN B 26 9.24 2.12 -6.96
CA ASN B 26 10.10 1.12 -6.34
C ASN B 26 9.74 0.83 -4.88
N LEU B 27 8.48 1.05 -4.53
CA LEU B 27 7.99 0.73 -3.20
C LEU B 27 7.40 -0.67 -3.17
N HIS B 28 8.26 -1.66 -3.42
CA HIS B 28 7.84 -3.04 -3.55
C HIS B 28 7.36 -3.64 -2.24
N ARG B 29 7.92 -3.19 -1.12
CA ARG B 29 7.46 -3.64 0.18
C ARG B 29 6.00 -3.25 0.39
N THR B 30 5.71 -1.97 0.18
CA THR B 30 4.35 -1.46 0.33
C THR B 30 3.40 -2.12 -0.67
N LEU B 31 3.90 -2.34 -1.88
CA LEU B 31 3.11 -2.96 -2.93
C LEU B 31 2.66 -4.36 -2.53
N ALA B 32 3.57 -5.12 -1.94
CA ALA B 32 3.27 -6.49 -1.52
C ALA B 32 2.20 -6.49 -0.42
N ILE B 33 2.37 -5.66 0.59
CA ILE B 33 1.42 -5.58 1.69
C ILE B 33 0.05 -5.10 1.21
N LEU B 34 0.06 -4.17 0.25
CA LEU B 34 -1.19 -3.64 -0.27
C LEU B 34 -1.98 -4.72 -0.99
N GLN B 35 -1.30 -5.48 -1.83
CA GLN B 35 -1.94 -6.60 -2.54
C GLN B 35 -2.46 -7.64 -1.57
N GLU B 36 -1.69 -7.95 -0.55
CA GLU B 36 -2.10 -8.94 0.45
C GLU B 36 -3.29 -8.45 1.27
N GLU B 37 -3.22 -7.20 1.75
CA GLU B 37 -4.24 -6.67 2.64
C GLU B 37 -5.56 -6.42 1.89
N THR B 38 -5.47 -6.12 0.60
CA THR B 38 -6.66 -5.79 -0.18
C THR B 38 -7.12 -6.98 -1.05
N ASN B 39 -6.23 -7.95 -1.23
CA ASN B 39 -6.50 -9.14 -2.04
C ASN B 39 -6.77 -8.81 -3.51
N VAL B 40 -6.22 -7.70 -3.98
CA VAL B 40 -6.35 -7.33 -5.39
C VAL B 40 -4.97 -7.15 -6.03
N SER B 41 -4.86 -7.51 -7.31
CA SER B 41 -3.61 -7.42 -8.04
C SER B 41 -3.81 -6.78 -9.40
N LEU B 42 -2.72 -6.32 -10.00
CA LEU B 42 -2.76 -5.73 -11.34
C LEU B 42 -3.09 -6.78 -12.40
N ASN B 43 -4.09 -6.47 -13.24
CA ASN B 43 -4.44 -7.37 -14.33
C ASN B 43 -3.93 -6.84 -15.67
N THR B 44 -2.86 -6.07 -15.61
CA THR B 44 -2.29 -5.40 -16.78
C THR B 44 -0.83 -5.79 -16.95
N VAL B 45 -0.29 -5.55 -18.14
CA VAL B 45 1.10 -5.84 -18.40
C VAL B 45 1.83 -4.54 -18.77
N ASP B 46 3.08 -4.44 -18.37
CA ASP B 46 3.89 -3.25 -18.63
C ASP B 46 4.01 -2.93 -20.12
N SER B 47 4.20 -3.97 -20.92
CA SER B 47 4.31 -3.83 -22.36
C SER B 47 4.09 -5.18 -23.05
N ILE B 48 3.53 -5.13 -24.25
CA ILE B 48 3.33 -6.36 -25.02
C ILE B 48 4.69 -6.96 -25.40
N ASP B 49 5.68 -6.10 -25.58
CA ASP B 49 7.02 -6.53 -25.96
C ASP B 49 7.60 -7.51 -24.95
N GLY B 50 7.57 -7.13 -23.67
CA GLY B 50 8.03 -8.00 -22.60
C GLY B 50 7.23 -9.28 -22.58
N PHE B 51 5.93 -9.16 -22.82
CA PHE B 51 5.03 -10.30 -22.86
C PHE B 51 5.29 -11.17 -24.08
N CYS B 52 5.44 -10.56 -25.24
CA CYS B 52 5.66 -11.30 -26.47
C CYS B 52 7.04 -11.95 -26.50
N ASN B 53 8.03 -11.28 -25.93
CA ASN B 53 9.39 -11.81 -25.88
C ASN B 53 9.46 -13.07 -25.03
N GLU B 54 8.70 -13.09 -23.95
CA GLU B 54 8.66 -14.25 -23.06
C GLU B 54 8.11 -15.48 -23.78
N ILE B 55 7.12 -15.27 -24.64
CA ILE B 55 6.55 -16.37 -25.42
C ILE B 55 7.49 -16.78 -26.55
N THR B 56 8.08 -15.78 -27.21
CA THR B 56 9.02 -16.02 -28.31
C THR B 56 10.29 -16.74 -27.82
N SER B 57 10.74 -16.40 -26.61
CA SER B 57 11.95 -17.01 -26.05
C SER B 57 11.68 -18.38 -25.44
N GLY B 58 10.41 -18.73 -25.29
CA GLY B 58 10.04 -20.02 -24.76
C GLY B 58 10.16 -20.14 -23.26
N ASN B 59 10.08 -19.00 -22.56
CA ASN B 59 10.09 -19.02 -21.10
C ASN B 59 8.70 -19.29 -20.56
N TRP B 60 8.27 -20.54 -20.67
CA TRP B 60 6.89 -20.91 -20.45
C TRP B 60 6.43 -20.73 -19.00
N ASP B 61 7.33 -20.95 -18.05
CA ASP B 61 6.97 -20.80 -16.64
C ASP B 61 6.51 -19.38 -16.36
N ASN B 62 7.21 -18.41 -16.94
CA ASN B 62 6.84 -17.01 -16.83
C ASN B 62 5.53 -16.70 -17.55
N VAL B 63 5.37 -17.25 -18.75
CA VAL B 63 4.18 -16.99 -19.56
C VAL B 63 2.94 -17.58 -18.90
N LEU B 64 3.09 -18.75 -18.30
CA LEU B 64 1.97 -19.41 -17.61
C LEU B 64 1.58 -18.61 -16.35
N LYS B 65 2.58 -18.13 -15.63
CA LYS B 65 2.35 -17.29 -14.45
C LYS B 65 1.67 -15.98 -14.85
N THR B 66 2.14 -15.37 -15.93
CA THR B 66 1.61 -14.10 -16.40
C THR B 66 0.17 -14.26 -16.85
N VAL B 67 -0.08 -15.30 -17.62
CA VAL B 67 -1.39 -15.59 -18.17
C VAL B 67 -2.37 -15.95 -17.04
N GLN B 68 -1.87 -16.57 -16.00
CA GLN B 68 -2.70 -16.93 -14.85
C GLN B 68 -3.10 -15.68 -14.06
N SER B 69 -2.19 -14.69 -14.05
CA SER B 69 -2.45 -13.43 -13.38
C SER B 69 -3.57 -12.64 -14.06
N LEU B 70 -3.60 -12.71 -15.39
CA LEU B 70 -4.58 -11.98 -16.18
C LEU B 70 -5.96 -12.62 -16.16
N LYS B 71 -6.05 -13.83 -15.61
CA LYS B 71 -7.30 -14.57 -15.51
C LYS B 71 -7.96 -14.72 -16.89
N LEU B 72 -7.15 -15.08 -17.89
CA LEU B 72 -7.67 -15.38 -19.21
C LEU B 72 -8.46 -16.69 -19.22
N PRO B 73 -9.51 -16.76 -20.03
CA PRO B 73 -10.30 -17.98 -20.17
C PRO B 73 -9.49 -19.13 -20.77
N ALA B 74 -9.88 -20.36 -20.50
CA ALA B 74 -9.09 -21.53 -20.88
C ALA B 74 -8.93 -21.70 -22.39
N LYS B 75 -9.93 -21.27 -23.17
CA LYS B 75 -9.91 -21.49 -24.62
C LYS B 75 -8.73 -20.81 -25.31
N LYS B 76 -8.42 -19.59 -24.89
CA LYS B 76 -7.29 -18.86 -25.44
C LYS B 76 -5.99 -19.52 -25.00
N LEU B 77 -6.05 -20.24 -23.88
CA LEU B 77 -4.87 -20.89 -23.32
C LEU B 77 -4.69 -22.29 -23.87
N ILE B 78 -5.69 -22.79 -24.60
CA ILE B 78 -5.64 -24.15 -25.13
C ILE B 78 -4.48 -24.31 -26.11
N ASP B 79 -4.33 -23.34 -27.01
CA ASP B 79 -3.25 -23.37 -27.98
C ASP B 79 -1.90 -23.24 -27.31
N LEU B 80 -1.82 -22.33 -26.34
CA LEU B 80 -0.59 -22.09 -25.60
C LEU B 80 -0.17 -23.34 -24.82
N TYR B 81 -1.08 -23.91 -24.06
CA TYR B 81 -0.75 -25.07 -23.24
C TYR B 81 -0.42 -26.28 -24.10
N GLU B 82 -1.08 -26.39 -25.25
CA GLU B 82 -0.77 -27.45 -26.20
C GLU B 82 0.68 -27.31 -26.70
N HIS B 83 1.10 -26.10 -27.02
CA HIS B 83 2.44 -25.87 -27.52
C HIS B 83 3.50 -26.15 -26.46
N VAL B 84 3.21 -25.75 -25.22
CA VAL B 84 4.09 -26.05 -24.10
C VAL B 84 4.34 -27.55 -24.01
N ILE B 85 3.26 -28.32 -24.13
CA ILE B 85 3.34 -29.77 -24.10
C ILE B 85 4.19 -30.28 -25.26
N ILE B 86 4.03 -29.66 -26.42
CA ILE B 86 4.81 -30.01 -27.61
C ILE B 86 6.32 -29.78 -27.37
N GLU B 87 6.65 -28.70 -26.68
CA GLU B 87 8.05 -28.42 -26.40
C GLU B 87 8.57 -29.34 -25.29
N LEU B 88 7.68 -29.76 -24.40
CA LEU B 88 8.05 -30.68 -23.34
C LEU B 88 8.38 -32.06 -23.91
N VAL B 89 7.59 -32.53 -24.86
CA VAL B 89 7.82 -33.83 -25.47
C VAL B 89 9.05 -33.74 -26.38
N GLU B 90 9.31 -32.54 -26.90
CA GLU B 90 10.52 -32.30 -27.69
C GLU B 90 11.77 -32.53 -26.86
N LEU B 91 11.72 -32.09 -25.60
CA LEU B 91 12.84 -32.29 -24.67
C LEU B 91 12.72 -33.63 -23.97
N ARG B 92 11.75 -34.43 -24.42
CA ARG B 92 11.51 -35.77 -23.89
C ARG B 92 11.17 -35.75 -22.41
N GLU B 93 10.53 -34.67 -21.96
CA GLU B 93 10.02 -34.59 -20.60
C GLU B 93 8.58 -35.11 -20.54
N LEU B 94 8.43 -36.40 -20.76
CA LEU B 94 7.12 -37.03 -20.92
C LEU B 94 6.29 -37.01 -19.64
N ALA B 95 6.93 -37.24 -18.51
CA ALA B 95 6.24 -37.27 -17.22
C ALA B 95 5.55 -35.93 -16.95
N THR B 96 6.27 -34.84 -17.21
CA THR B 96 5.71 -33.50 -17.08
C THR B 96 4.66 -33.25 -18.15
N ALA B 97 4.91 -33.76 -19.35
CA ALA B 97 3.98 -33.60 -20.46
C ALA B 97 2.64 -34.25 -20.17
N ARG B 98 2.67 -35.49 -19.67
CA ARG B 98 1.45 -36.19 -19.30
C ARG B 98 0.74 -35.47 -18.17
N LEU B 99 1.53 -34.94 -17.24
CA LEU B 99 1.00 -34.21 -16.10
C LEU B 99 0.22 -32.96 -16.52
N VAL B 100 0.80 -32.19 -17.44
CA VAL B 100 0.14 -30.97 -17.92
C VAL B 100 -1.13 -31.28 -18.71
N ALA B 101 -1.08 -32.30 -19.56
CA ALA B 101 -2.21 -32.64 -20.40
C ALA B 101 -3.44 -33.10 -19.60
N ARG B 102 -3.19 -33.72 -18.45
CA ARG B 102 -4.29 -34.25 -17.64
C ARG B 102 -4.78 -33.32 -16.55
N GLN B 103 -3.90 -32.49 -15.99
CA GLN B 103 -4.21 -31.79 -14.76
C GLN B 103 -4.59 -30.32 -14.96
N THR B 104 -4.07 -29.68 -16.00
CA THR B 104 -4.34 -28.26 -16.21
C THR B 104 -5.72 -28.04 -16.85
N ASP B 105 -6.34 -26.90 -16.53
CA ASP B 105 -7.69 -26.62 -17.02
C ASP B 105 -7.85 -26.51 -18.55
N PRO B 106 -6.92 -25.83 -19.26
CA PRO B 106 -7.14 -25.75 -20.71
C PRO B 106 -7.12 -27.11 -21.41
N MET B 107 -6.21 -27.99 -21.01
CA MET B 107 -6.11 -29.32 -21.61
C MET B 107 -7.31 -30.20 -21.28
N ILE B 108 -7.84 -30.07 -20.06
CA ILE B 108 -9.05 -30.78 -19.68
C ILE B 108 -10.22 -30.31 -20.53
N LEU B 109 -10.27 -29.00 -20.78
CA LEU B 109 -11.29 -28.41 -21.64
C LEU B 109 -11.13 -28.93 -23.06
N LEU B 110 -9.86 -29.07 -23.48
CA LEU B 110 -9.54 -29.55 -24.82
C LEU B 110 -10.04 -30.96 -25.06
N LYS B 111 -9.90 -31.82 -24.05
CA LYS B 111 -10.38 -33.20 -24.14
C LYS B 111 -11.88 -33.25 -24.33
N GLN B 112 -12.59 -32.40 -23.60
CA GLN B 112 -14.05 -32.34 -23.67
C GLN B 112 -14.53 -31.81 -25.02
N ILE B 113 -13.90 -30.74 -25.49
CA ILE B 113 -14.37 -30.06 -26.70
C ILE B 113 -13.82 -30.66 -27.99
N ASP B 114 -12.54 -31.03 -27.99
CA ASP B 114 -11.92 -31.58 -29.18
C ASP B 114 -11.09 -32.81 -28.84
N PRO B 115 -11.75 -33.94 -28.58
CA PRO B 115 -11.06 -35.17 -28.17
C PRO B 115 -10.11 -35.71 -29.24
N ASP B 116 -10.43 -35.49 -30.52
CA ASP B 116 -9.54 -35.91 -31.61
C ASP B 116 -8.22 -35.16 -31.54
N ARG B 117 -8.29 -33.84 -31.35
CA ARG B 117 -7.09 -33.02 -31.22
C ARG B 117 -6.32 -33.44 -29.97
N PHE B 118 -7.05 -33.73 -28.90
CA PHE B 118 -6.44 -34.19 -27.67
C PHE B 118 -5.79 -35.56 -27.87
N ALA B 119 -6.47 -36.43 -28.62
CA ALA B 119 -5.96 -37.76 -28.91
C ALA B 119 -4.65 -37.67 -29.68
N ARG B 120 -4.59 -36.75 -30.64
CA ARG B 120 -3.37 -36.51 -31.40
C ARG B 120 -2.26 -36.03 -30.47
N LEU B 121 -2.61 -35.21 -29.49
CA LEU B 121 -1.61 -34.74 -28.54
C LEU B 121 -1.07 -35.84 -27.64
N GLU B 122 -1.95 -36.70 -27.13
CA GLU B 122 -1.52 -37.86 -26.33
C GLU B 122 -0.72 -38.85 -27.18
N SER B 123 -1.10 -39.01 -28.45
CA SER B 123 -0.36 -39.92 -29.32
C SER B 123 1.07 -39.38 -29.48
N LEU B 124 1.20 -38.07 -29.58
CA LEU B 124 2.50 -37.42 -29.66
C LEU B 124 3.31 -37.66 -28.39
N ILE B 125 2.64 -37.55 -27.24
CA ILE B 125 3.29 -37.75 -25.95
C ILE B 125 3.78 -39.19 -25.75
N ASN B 126 2.99 -40.16 -26.23
CA ASN B 126 3.30 -41.57 -25.99
C ASN B 126 4.24 -42.18 -27.01
N ARG B 127 4.66 -41.37 -27.98
CA ARG B 127 5.56 -41.86 -29.03
C ARG B 127 6.95 -42.17 -28.47
N PRO B 128 7.57 -43.26 -28.97
CA PRO B 128 8.93 -43.67 -28.58
C PRO B 128 10.01 -42.61 -28.85
N TYR B 129 9.75 -41.71 -29.79
CA TYR B 129 10.68 -40.60 -30.04
C TYR B 129 9.95 -39.40 -30.60
N PHE B 130 10.64 -38.26 -30.63
CA PHE B 130 10.09 -37.03 -31.15
C PHE B 130 10.59 -36.76 -32.57
N ASP B 131 9.66 -36.71 -33.52
CA ASP B 131 10.01 -36.44 -34.91
C ASP B 131 9.79 -34.97 -35.24
N GLY B 132 10.87 -34.19 -35.18
CA GLY B 132 10.81 -32.77 -35.46
C GLY B 132 10.39 -32.45 -36.88
N GLN B 133 10.63 -33.39 -37.79
CA GLN B 133 10.29 -33.18 -39.19
C GLN B 133 8.78 -33.15 -39.44
N GLU B 134 8.03 -33.92 -38.66
CA GLU B 134 6.57 -33.91 -38.79
C GLU B 134 5.95 -32.74 -38.03
N VAL B 135 6.36 -32.56 -36.79
CA VAL B 135 5.78 -31.53 -35.93
C VAL B 135 6.11 -30.12 -36.42
N TYR B 136 7.38 -29.85 -36.66
CA TYR B 136 7.80 -28.51 -37.06
C TYR B 136 7.92 -28.38 -38.57
N GLY B 137 7.64 -29.47 -39.29
CA GLY B 137 7.73 -29.47 -40.74
C GLY B 137 6.66 -28.63 -41.39
N ASP B 138 5.43 -28.79 -40.93
CA ASP B 138 4.30 -28.03 -41.44
C ASP B 138 4.37 -26.58 -40.99
N VAL B 139 4.60 -26.39 -39.69
CA VAL B 139 4.73 -25.05 -39.12
C VAL B 139 5.90 -25.06 -38.14
N SER B 140 6.88 -24.21 -38.37
CA SER B 140 8.12 -24.23 -37.61
C SER B 140 7.92 -23.88 -36.15
N LYS B 141 8.89 -24.25 -35.32
CA LYS B 141 8.85 -23.98 -33.88
C LYS B 141 8.76 -22.49 -33.59
N GLU B 142 9.57 -21.71 -34.30
CA GLU B 142 9.60 -20.26 -34.13
C GLU B 142 8.27 -19.62 -34.55
N LYS B 143 7.71 -20.08 -35.65
CA LYS B 143 6.46 -19.54 -36.17
C LYS B 143 5.28 -19.79 -35.23
N ARG B 144 5.21 -21.00 -34.69
CA ARG B 144 4.16 -21.36 -33.74
C ARG B 144 4.21 -20.45 -32.51
N ARG B 145 5.42 -20.18 -32.03
CA ARG B 145 5.61 -19.27 -30.91
C ARG B 145 5.15 -17.85 -31.23
N SER B 146 5.40 -17.41 -32.45
CA SER B 146 5.00 -16.08 -32.90
C SER B 146 3.49 -15.93 -32.99
N VAL B 147 2.83 -16.97 -33.52
CA VAL B 147 1.38 -16.96 -33.67
C VAL B 147 0.68 -16.87 -32.32
N ILE B 148 1.13 -17.69 -31.38
CA ILE B 148 0.56 -17.69 -30.04
C ILE B 148 0.83 -16.34 -29.36
N ALA B 149 2.02 -15.80 -29.58
CA ALA B 149 2.38 -14.50 -29.02
C ALA B 149 1.49 -13.41 -29.60
N GLN B 150 1.22 -13.49 -30.90
CA GLN B 150 0.39 -12.50 -31.57
C GLN B 150 -1.06 -12.53 -31.07
N THR B 151 -1.61 -13.72 -30.96
CA THR B 151 -2.99 -13.89 -30.52
C THR B 151 -3.17 -13.47 -29.07
N LEU B 152 -2.23 -13.86 -28.22
CA LEU B 152 -2.32 -13.55 -26.80
C LEU B 152 -2.07 -12.07 -26.53
N SER B 153 -1.22 -11.44 -27.34
CA SER B 153 -0.89 -10.04 -27.17
C SER B 153 -2.13 -9.16 -27.40
N SER B 154 -3.00 -9.62 -28.28
CA SER B 154 -4.25 -8.91 -28.58
C SER B 154 -5.30 -9.17 -27.51
N GLU B 155 -5.12 -10.23 -26.74
CA GLU B 155 -6.07 -10.58 -25.69
C GLU B 155 -5.72 -9.90 -24.38
N VAL B 156 -4.59 -9.20 -24.37
CA VAL B 156 -4.16 -8.46 -23.19
C VAL B 156 -4.13 -6.96 -23.52
N HIS B 157 -4.52 -6.14 -22.56
CA HIS B 157 -4.56 -4.70 -22.77
C HIS B 157 -3.50 -4.02 -21.92
N VAL B 158 -2.82 -3.04 -22.51
CA VAL B 158 -1.77 -2.30 -21.83
C VAL B 158 -2.32 -0.98 -21.31
N VAL B 159 -1.87 -0.59 -20.12
CA VAL B 159 -2.28 0.67 -19.54
C VAL B 159 -1.10 1.62 -19.52
N ALA B 160 -1.37 2.90 -19.74
CA ALA B 160 -0.35 3.93 -19.72
C ALA B 160 0.33 3.98 -18.36
N PRO B 161 1.65 4.22 -18.37
CA PRO B 161 2.39 4.32 -17.11
C PRO B 161 1.99 5.58 -16.34
N SER B 162 2.10 5.54 -15.01
CA SER B 162 1.84 6.70 -14.17
C SER B 162 0.44 7.28 -14.38
N ARG B 163 -0.56 6.41 -14.37
CA ARG B 163 -1.94 6.83 -14.56
C ARG B 163 -2.40 7.75 -13.42
N LEU B 164 -1.98 7.43 -12.20
CA LEU B 164 -2.38 8.22 -11.05
C LEU B 164 -1.88 9.65 -11.19
N LEU B 165 -0.62 9.80 -11.58
CA LEU B 165 -0.03 11.11 -11.78
C LEU B 165 -0.71 11.85 -12.92
N SER B 166 -1.08 11.12 -13.96
CA SER B 166 -1.80 11.68 -15.09
C SER B 166 -3.19 12.20 -14.66
N LEU B 167 -3.89 11.40 -13.87
CA LEU B 167 -5.21 11.80 -13.38
C LEU B 167 -5.10 13.01 -12.44
N LEU B 168 -4.06 13.02 -11.62
CA LEU B 168 -3.83 14.12 -10.69
C LEU B 168 -3.50 15.40 -11.46
N GLY B 169 -2.78 15.25 -12.57
CA GLY B 169 -2.49 16.36 -13.45
C GLY B 169 -3.77 16.95 -14.02
N GLN B 170 -4.72 16.08 -14.35
CA GLN B 170 -6.02 16.51 -14.81
C GLN B 170 -6.80 17.23 -13.71
N SER B 171 -6.61 16.81 -12.46
CA SER B 171 -7.25 17.46 -11.33
C SER B 171 -6.81 18.91 -11.22
N LEU B 172 -5.52 19.15 -11.42
CA LEU B 172 -4.99 20.51 -11.39
C LEU B 172 -5.51 21.33 -12.57
N LYS B 173 -5.60 20.69 -13.72
CA LYS B 173 -6.11 21.36 -14.92
C LYS B 173 -7.56 21.77 -14.71
N TRP B 174 -8.30 20.93 -14.01
CA TRP B 174 -9.68 21.26 -13.64
C TRP B 174 -9.72 22.43 -12.68
N GLN B 175 -8.83 22.42 -11.69
CA GLN B 175 -8.76 23.49 -10.70
C GLN B 175 -8.37 24.81 -11.35
N LEU B 176 -7.52 24.75 -12.37
CA LEU B 176 -7.18 25.95 -13.11
C LEU B 176 -8.43 26.48 -13.83
N HIS B 177 -9.27 25.55 -14.28
CA HIS B 177 -10.52 25.89 -14.97
C HIS B 177 -11.61 26.43 -14.06
N GLN B 178 -11.79 25.83 -12.88
CA GLN B 178 -12.92 26.18 -12.01
C GLN B 178 -12.54 26.38 -10.53
N GLY B 179 -11.39 25.85 -10.13
CA GLY B 179 -10.94 25.92 -8.75
C GLY B 179 -10.50 27.26 -8.19
N LEU B 180 -10.05 28.17 -9.04
CA LEU B 180 -9.44 29.42 -8.59
C LEU B 180 -10.43 30.35 -7.89
N LEU B 181 -11.65 30.44 -8.43
CA LEU B 181 -12.70 31.29 -7.87
C LEU B 181 -12.22 32.73 -7.69
#